data_2ZOS
#
_entry.id   2ZOS
#
_cell.length_a   58.487
_cell.length_b   68.607
_cell.length_c   67.567
_cell.angle_alpha   90.00
_cell.angle_beta   96.48
_cell.angle_gamma   90.00
#
_symmetry.space_group_name_H-M   'P 1 21 1'
#
loop_
_entity.id
_entity.type
_entity.pdbx_description
1 polymer 'Mannosyl-3-phosphoglycerate phosphatase'
2 water water
#
_entity_poly.entity_id   1
_entity_poly.type   'polypeptide(L)'
_entity_poly.pdbx_seq_one_letter_code
;(MSE)IRLIFLDIDKTLIPGYEPDPAKPIIEELKD(MSE)GFEIIFNSSKTRAEQEYYRKELEVETPFISENGSAIFIPK
GYFPFDVKGKEVGNYIVIELGIRVEKIREELKKLENIYGLKYYGNSTKEEIEKFTG(MSE)PPELVPLA(MSE)EREYSE
TIFEWSRDGWEEVLVEGGFKVT(MSE)GSRFYTVHGNSDKGKAAKILLDFYKRLGQIESYAVGDSYNDFP(MSE)FEVVD
KVFIVGSLKHKKAQNVSSIIDVLEVIKHHHHHH
;
_entity_poly.pdbx_strand_id   A,B
#
# COMPACT_ATOMS: atom_id res chain seq x y z
N ILE A 2 -13.81 20.17 5.26
CA ILE A 2 -13.41 19.23 4.22
C ILE A 2 -11.89 19.07 4.20
N ARG A 3 -11.43 17.82 4.24
CA ARG A 3 -10.01 17.54 4.20
C ARG A 3 -9.69 16.91 2.85
N LEU A 4 -8.69 17.48 2.17
CA LEU A 4 -8.29 17.00 0.86
C LEU A 4 -6.83 16.56 0.91
N ILE A 5 -6.50 15.52 0.17
CA ILE A 5 -5.12 15.08 0.12
C ILE A 5 -4.77 14.72 -1.31
N PHE A 6 -3.68 15.29 -1.80
CA PHE A 6 -3.19 15.01 -3.16
C PHE A 6 -2.11 13.94 -3.04
N LEU A 7 -2.26 12.88 -3.84
CA LEU A 7 -1.32 11.77 -3.83
C LEU A 7 -0.83 11.42 -5.24
N ASP A 8 0.39 10.90 -5.32
CA ASP A 8 0.98 10.46 -6.58
C ASP A 8 0.50 9.01 -6.71
N ILE A 9 0.57 8.45 -7.91
CA ILE A 9 0.18 7.04 -8.11
C ILE A 9 1.42 6.30 -8.57
N ASP A 10 2.42 6.21 -7.70
CA ASP A 10 3.65 5.52 -8.05
C ASP A 10 4.03 4.51 -6.97
N LYS A 11 5.30 4.13 -6.94
CA LYS A 11 5.78 3.13 -5.98
C LYS A 11 5.47 3.41 -4.51
N THR A 12 5.26 4.68 -4.16
CA THR A 12 4.96 4.99 -2.76
C THR A 12 3.55 4.54 -2.39
N LEU A 13 2.73 4.25 -3.39
CA LEU A 13 1.37 3.80 -3.14
C LEU A 13 1.09 2.42 -3.75
N ILE A 14 1.61 2.20 -4.96
CA ILE A 14 1.40 0.92 -5.65
C ILE A 14 2.68 0.18 -6.01
N PRO A 15 3.50 -0.16 -5.00
CA PRO A 15 4.73 -0.88 -5.29
C PRO A 15 4.38 -2.21 -5.95
N GLY A 16 5.03 -2.52 -7.07
CA GLY A 16 4.75 -3.75 -7.78
C GLY A 16 3.78 -3.53 -8.94
N TYR A 17 3.20 -2.34 -9.00
CA TYR A 17 2.25 -1.91 -10.05
C TYR A 17 0.81 -2.37 -9.93
N GLU A 18 0.53 -3.36 -9.11
CA GLU A 18 -0.86 -3.80 -8.99
C GLU A 18 -1.56 -2.85 -8.03
N PRO A 19 -2.88 -2.70 -8.16
CA PRO A 19 -3.64 -1.79 -7.28
C PRO A 19 -3.76 -2.18 -5.81
N ASP A 20 -3.87 -3.48 -5.55
CA ASP A 20 -4.08 -3.97 -4.20
C ASP A 20 -3.28 -3.39 -3.05
N PRO A 21 -1.96 -3.19 -3.24
CA PRO A 21 -1.14 -2.63 -2.15
C PRO A 21 -1.64 -1.27 -1.66
N ALA A 22 -2.36 -0.55 -2.51
CA ALA A 22 -2.85 0.77 -2.11
C ALA A 22 -4.12 0.72 -1.28
N LYS A 23 -4.84 -0.40 -1.32
CA LYS A 23 -6.11 -0.52 -0.61
C LYS A 23 -6.10 -0.14 0.88
N PRO A 24 -5.12 -0.64 1.65
CA PRO A 24 -5.07 -0.31 3.09
C PRO A 24 -5.02 1.20 3.32
N ILE A 25 -4.21 1.86 2.51
CA ILE A 25 -4.03 3.30 2.59
C ILE A 25 -5.28 4.08 2.17
N ILE A 26 -5.85 3.71 1.03
CA ILE A 26 -7.05 4.36 0.54
C ILE A 26 -8.18 4.22 1.57
N GLU A 27 -8.34 3.02 2.10
CA GLU A 27 -9.39 2.77 3.07
C GLU A 27 -9.23 3.59 4.33
N GLU A 28 -8.00 3.72 4.82
CA GLU A 28 -7.78 4.52 6.02
C GLU A 28 -8.03 5.99 5.76
N LEU A 29 -7.60 6.48 4.60
CA LEU A 29 -7.84 7.88 4.26
C LEU A 29 -9.34 8.14 4.16
N LYS A 30 -10.07 7.17 3.64
CA LYS A 30 -11.52 7.31 3.53
C LYS A 30 -12.11 7.37 4.94
N ASP A 31 -11.61 6.52 5.83
CA ASP A 31 -12.10 6.49 7.21
C ASP A 31 -11.78 7.80 7.94
N GLY A 33 -11.88 10.57 6.66
CA GLY A 33 -12.70 11.62 6.08
C GLY A 33 -12.04 12.46 5.01
N PHE A 34 -11.12 11.88 4.26
CA PHE A 34 -10.42 12.61 3.20
C PHE A 34 -10.98 12.42 1.81
N GLU A 35 -10.86 13.46 1.00
CA GLU A 35 -11.26 13.40 -0.39
C GLU A 35 -9.88 13.13 -1.01
N ILE A 36 -9.72 11.98 -1.65
CA ILE A 36 -8.43 11.58 -2.23
C ILE A 36 -8.28 12.01 -3.67
N ILE A 37 -7.34 12.93 -3.91
CA ILE A 37 -7.13 13.43 -5.26
C ILE A 37 -5.80 12.96 -5.85
N PHE A 38 -5.86 12.12 -6.88
CA PHE A 38 -4.63 11.69 -7.51
C PHE A 38 -4.17 12.85 -8.38
N ASN A 39 -2.91 13.26 -8.20
CA ASN A 39 -2.33 14.34 -9.00
C ASN A 39 -1.03 13.69 -9.45
N SER A 40 -1.10 13.08 -10.63
CA SER A 40 0.00 12.29 -11.15
C SER A 40 0.53 12.66 -12.53
N SER A 41 1.72 12.18 -12.84
CA SER A 41 2.32 12.39 -14.15
C SER A 41 1.66 11.39 -15.10
N LYS A 42 0.95 10.42 -14.52
CA LYS A 42 0.26 9.39 -15.31
C LYS A 42 -0.88 9.92 -16.19
N THR A 43 -1.16 9.18 -17.25
CA THR A 43 -2.21 9.53 -18.18
C THR A 43 -3.59 9.26 -17.59
N ARG A 44 -4.61 9.86 -18.18
CA ARG A 44 -5.97 9.65 -17.73
C ARG A 44 -6.30 8.16 -17.78
N ALA A 45 -5.88 7.50 -18.87
CA ALA A 45 -6.13 6.06 -19.02
C ALA A 45 -5.57 5.28 -17.83
N GLU A 46 -4.33 5.57 -17.45
CA GLU A 46 -3.71 4.88 -16.31
C GLU A 46 -4.47 5.17 -15.02
N GLN A 47 -4.80 6.44 -14.79
CA GLN A 47 -5.47 6.81 -13.56
C GLN A 47 -6.87 6.23 -13.46
N GLU A 48 -7.59 6.19 -14.57
CA GLU A 48 -8.94 5.64 -14.54
C GLU A 48 -8.92 4.18 -14.12
N TYR A 49 -7.90 3.45 -14.57
CA TYR A 49 -7.77 2.04 -14.20
C TYR A 49 -7.59 1.89 -12.68
N TYR A 50 -6.61 2.59 -12.11
CA TYR A 50 -6.39 2.49 -10.68
C TYR A 50 -7.57 3.00 -9.86
N ARG A 51 -8.18 4.11 -10.29
CA ARG A 51 -9.34 4.64 -9.58
C ARG A 51 -10.46 3.62 -9.51
N LYS A 52 -10.74 2.95 -10.62
CA LYS A 52 -11.81 1.96 -10.64
C LYS A 52 -11.50 0.80 -9.72
N GLU A 53 -10.27 0.30 -9.79
CA GLU A 53 -9.88 -0.82 -8.93
C GLU A 53 -9.89 -0.47 -7.45
N LEU A 54 -9.58 0.78 -7.13
CA LEU A 54 -9.53 1.23 -5.75
C LEU A 54 -10.81 1.93 -5.27
N GLU A 55 -11.80 2.02 -6.16
CA GLU A 55 -13.09 2.63 -5.84
C GLU A 55 -12.95 4.09 -5.41
N VAL A 56 -12.16 4.84 -6.15
CA VAL A 56 -11.94 6.26 -5.90
C VAL A 56 -12.68 6.97 -7.02
N GLU A 57 -13.64 7.83 -6.68
CA GLU A 57 -14.43 8.51 -7.70
C GLU A 57 -14.37 10.02 -7.58
N THR A 58 -13.30 10.53 -7.00
CA THR A 58 -13.09 11.95 -6.82
C THR A 58 -12.42 12.52 -8.07
N PRO A 59 -12.29 13.86 -8.14
CA PRO A 59 -11.65 14.45 -9.30
C PRO A 59 -10.19 14.00 -9.30
N PHE A 60 -9.53 14.05 -10.46
CA PHE A 60 -8.12 13.70 -10.53
C PHE A 60 -7.44 14.62 -11.54
N ILE A 61 -6.12 14.69 -11.46
CA ILE A 61 -5.33 15.58 -12.31
C ILE A 61 -4.26 14.76 -13.02
N SER A 62 -4.15 14.90 -14.35
CA SER A 62 -3.20 14.09 -15.08
C SER A 62 -2.06 14.81 -15.79
N GLU A 63 -1.04 14.04 -16.13
CA GLU A 63 0.14 14.50 -16.86
C GLU A 63 0.72 15.83 -16.39
N ASN A 64 1.09 15.86 -15.11
CA ASN A 64 1.69 17.03 -14.46
C ASN A 64 0.85 18.29 -14.54
N GLY A 65 -0.41 18.18 -14.13
CA GLY A 65 -1.30 19.34 -14.13
C GLY A 65 -1.81 19.79 -15.49
N SER A 66 -1.69 18.94 -16.51
CA SER A 66 -2.16 19.30 -17.85
C SER A 66 -3.67 19.28 -17.99
N ALA A 67 -4.35 18.50 -17.15
CA ALA A 67 -5.81 18.44 -17.21
C ALA A 67 -6.41 18.03 -15.88
N ILE A 68 -7.55 18.62 -15.55
CA ILE A 68 -8.28 18.30 -14.34
C ILE A 68 -9.56 17.60 -14.79
N PHE A 69 -9.83 16.45 -14.21
CA PHE A 69 -11.03 15.68 -14.55
C PHE A 69 -11.99 15.67 -13.38
N ILE A 70 -13.19 16.20 -13.62
CA ILE A 70 -14.22 16.26 -12.58
C ILE A 70 -15.44 15.45 -13.01
N PRO A 71 -15.70 14.34 -12.30
CA PRO A 71 -16.85 13.49 -12.63
C PRO A 71 -18.13 14.29 -12.74
N LYS A 72 -18.94 13.98 -13.76
CA LYS A 72 -20.19 14.68 -13.98
C LYS A 72 -20.99 14.81 -12.68
N GLY A 73 -21.36 16.05 -12.36
CA GLY A 73 -22.13 16.31 -11.16
C GLY A 73 -21.45 16.03 -9.83
N TYR A 74 -20.13 15.98 -9.80
CA TYR A 74 -19.44 15.72 -8.54
C TYR A 74 -19.72 16.84 -7.55
N PHE A 75 -19.72 18.09 -8.01
CA PHE A 75 -19.99 19.21 -7.13
C PHE A 75 -21.44 19.66 -7.17
N PRO A 76 -22.08 19.75 -5.99
CA PRO A 76 -23.49 20.15 -5.88
C PRO A 76 -23.67 21.67 -5.99
N GLU A 83 -25.07 28.91 -12.05
CA GLU A 83 -24.76 28.71 -13.46
C GLU A 83 -24.21 27.31 -13.69
N VAL A 84 -24.83 26.57 -14.60
CA VAL A 84 -24.40 25.22 -14.91
C VAL A 84 -23.40 25.26 -16.06
N GLY A 85 -22.16 24.89 -15.77
CA GLY A 85 -21.09 24.89 -16.77
C GLY A 85 -20.99 23.58 -17.54
N ASN A 86 -21.35 22.47 -16.88
CA ASN A 86 -21.29 21.18 -17.53
C ASN A 86 -19.87 20.80 -17.90
N TYR A 87 -18.90 21.31 -17.14
CA TYR A 87 -17.50 21.05 -17.39
C TYR A 87 -17.02 19.78 -16.69
N ILE A 88 -16.47 18.86 -17.48
CA ILE A 88 -15.97 17.60 -16.96
C ILE A 88 -14.45 17.56 -17.09
N VAL A 89 -13.91 18.27 -18.07
CA VAL A 89 -12.48 18.30 -18.28
C VAL A 89 -11.95 19.73 -18.42
N ILE A 90 -10.95 20.07 -17.63
CA ILE A 90 -10.33 21.38 -17.69
C ILE A 90 -8.93 21.17 -18.25
N GLU A 91 -8.73 21.61 -19.50
CA GLU A 91 -7.43 21.44 -20.15
C GLU A 91 -6.56 22.67 -19.90
N LEU A 92 -5.39 22.44 -19.31
CA LEU A 92 -4.46 23.50 -18.96
C LEU A 92 -3.12 23.44 -19.65
N GLY A 93 -2.76 22.27 -20.16
CA GLY A 93 -1.47 22.12 -20.81
C GLY A 93 -1.50 22.23 -22.32
N ILE A 94 -0.56 21.55 -22.96
CA ILE A 94 -0.46 21.57 -24.42
C ILE A 94 -0.65 20.15 -24.94
N ARG A 95 -1.14 20.04 -26.17
CA ARG A 95 -1.39 18.73 -26.78
C ARG A 95 -0.06 18.02 -27.04
N VAL A 96 -0.05 16.72 -26.81
CA VAL A 96 1.17 15.94 -26.99
C VAL A 96 1.73 16.00 -28.41
N GLU A 97 0.86 16.19 -29.40
CA GLU A 97 1.34 16.28 -30.78
C GLU A 97 2.32 17.43 -30.96
N LYS A 98 2.08 18.55 -30.27
CA LYS A 98 2.98 19.69 -30.37
C LYS A 98 4.31 19.36 -29.70
N ILE A 99 4.25 18.63 -28.59
CA ILE A 99 5.47 18.23 -27.89
C ILE A 99 6.29 17.30 -28.77
N ARG A 100 5.61 16.36 -29.41
CA ARG A 100 6.30 15.41 -30.27
C ARG A 100 6.88 16.07 -31.50
N GLU A 101 6.26 17.16 -31.97
CA GLU A 101 6.78 17.85 -33.14
C GLU A 101 8.12 18.48 -32.77
N GLU A 102 8.23 18.95 -31.54
CA GLU A 102 9.46 19.56 -31.05
C GLU A 102 10.52 18.49 -30.74
N LEU A 103 10.10 17.38 -30.15
CA LEU A 103 11.05 16.33 -29.82
C LEU A 103 11.66 15.73 -31.09
N LYS A 104 10.90 15.75 -32.17
CA LYS A 104 11.38 15.22 -33.44
C LYS A 104 12.62 15.98 -33.90
N LYS A 105 12.64 17.28 -33.64
CA LYS A 105 13.76 18.13 -34.02
C LYS A 105 15.01 17.87 -33.17
N LEU A 106 14.82 17.21 -32.02
CA LEU A 106 15.92 16.92 -31.11
C LEU A 106 16.30 15.45 -31.02
N GLU A 107 15.42 14.60 -31.54
CA GLU A 107 15.60 13.15 -31.48
C GLU A 107 16.99 12.64 -31.88
N ASN A 108 17.45 13.03 -33.06
CA ASN A 108 18.75 12.56 -33.53
C ASN A 108 19.94 13.23 -32.87
N ILE A 109 19.87 14.54 -32.67
CA ILE A 109 20.98 15.27 -32.06
C ILE A 109 21.29 14.75 -30.66
N TYR A 110 20.25 14.47 -29.88
CA TYR A 110 20.45 14.02 -28.51
C TYR A 110 20.11 12.56 -28.20
N GLY A 111 19.85 11.77 -29.24
CA GLY A 111 19.53 10.36 -29.05
C GLY A 111 18.40 10.15 -28.06
N LEU A 112 17.34 10.96 -28.19
CA LEU A 112 16.20 10.87 -27.30
C LEU A 112 15.28 9.71 -27.59
N LYS A 113 14.81 9.07 -26.52
CA LYS A 113 13.87 7.96 -26.61
C LYS A 113 12.71 8.33 -25.67
N TYR A 114 11.49 8.22 -26.19
CA TYR A 114 10.30 8.53 -25.42
C TYR A 114 9.17 7.63 -25.91
N TYR A 115 7.96 7.81 -25.38
CA TYR A 115 6.86 6.95 -25.82
C TYR A 115 6.61 6.99 -27.32
N GLY A 116 6.61 8.19 -27.89
CA GLY A 116 6.35 8.34 -29.31
C GLY A 116 7.31 7.70 -30.29
N ASN A 117 8.55 7.45 -29.89
CA ASN A 117 9.51 6.85 -30.81
C ASN A 117 10.12 5.55 -30.28
N SER A 118 9.41 4.88 -29.39
CA SER A 118 9.88 3.62 -28.80
C SER A 118 8.84 2.52 -28.99
N THR A 119 9.31 1.29 -29.11
CA THR A 119 8.42 0.15 -29.27
C THR A 119 7.93 -0.26 -27.89
N LYS A 120 6.85 -1.04 -27.84
CA LYS A 120 6.32 -1.49 -26.57
C LYS A 120 7.38 -2.29 -25.81
N GLU A 121 8.20 -3.02 -26.55
CA GLU A 121 9.26 -3.82 -25.93
C GLU A 121 10.29 -2.89 -25.28
N GLU A 122 10.66 -1.84 -25.99
CA GLU A 122 11.63 -0.86 -25.47
C GLU A 122 11.08 -0.15 -24.25
N ILE A 123 9.80 0.20 -24.31
CA ILE A 123 9.15 0.88 -23.19
C ILE A 123 9.15 -0.02 -21.95
N GLU A 124 8.87 -1.30 -22.15
CA GLU A 124 8.87 -2.24 -21.03
C GLU A 124 10.26 -2.33 -20.42
N LYS A 125 11.27 -2.32 -21.27
CA LYS A 125 12.66 -2.40 -20.81
C LYS A 125 13.04 -1.16 -20.01
N PHE A 126 12.69 0.01 -20.55
CA PHE A 126 12.99 1.29 -19.91
C PHE A 126 12.33 1.46 -18.55
N THR A 127 11.04 1.13 -18.47
CA THR A 127 10.27 1.32 -17.24
C THR A 127 10.14 0.15 -16.28
N GLY A 128 10.12 -1.07 -16.82
CA GLY A 128 9.98 -2.24 -15.96
C GLY A 128 8.51 -2.46 -15.64
N PRO A 130 4.60 -3.63 -16.14
CA PRO A 130 4.00 -4.86 -16.67
C PRO A 130 3.51 -4.60 -18.09
N PRO A 131 3.69 -5.59 -18.99
CA PRO A 131 3.26 -5.46 -20.39
C PRO A 131 1.81 -5.03 -20.57
N GLU A 132 0.93 -5.51 -19.69
CA GLU A 132 -0.47 -5.17 -19.81
C GLU A 132 -0.83 -3.73 -19.46
N LEU A 133 0.10 -3.03 -18.80
CA LEU A 133 -0.15 -1.64 -18.43
C LEU A 133 0.47 -0.64 -19.42
N VAL A 134 1.41 -1.11 -20.23
CA VAL A 134 2.08 -0.24 -21.19
C VAL A 134 1.10 0.51 -22.09
N PRO A 135 0.07 -0.17 -22.63
CA PRO A 135 -0.87 0.54 -23.50
C PRO A 135 -1.55 1.73 -22.80
N LEU A 136 -1.74 1.65 -21.49
CA LEU A 136 -2.36 2.75 -20.77
C LEU A 136 -1.42 3.95 -20.67
N ALA A 137 -0.14 3.66 -20.43
CA ALA A 137 0.87 4.70 -20.31
C ALA A 137 1.15 5.32 -21.67
N GLU A 139 -1.16 5.97 -23.86
CA GLU A 139 -2.27 6.85 -24.26
C GLU A 139 -2.04 8.23 -23.67
N ARG A 140 -1.00 8.89 -24.17
CA ARG A 140 -0.64 10.22 -23.69
C ARG A 140 -1.40 11.30 -24.44
N GLU A 141 -1.83 12.32 -23.69
CA GLU A 141 -2.60 13.40 -24.29
C GLU A 141 -1.92 14.75 -24.23
N TYR A 142 -1.07 14.96 -23.22
CA TYR A 142 -0.44 16.26 -23.05
C TYR A 142 1.02 16.25 -22.66
N SER A 143 1.67 15.10 -22.75
CA SER A 143 3.06 15.04 -22.32
C SER A 143 3.81 13.82 -22.83
N GLU A 144 5.13 13.89 -22.68
CA GLU A 144 6.01 12.79 -23.05
C GLU A 144 6.94 12.53 -21.90
N THR A 145 7.50 11.32 -21.85
CA THR A 145 8.44 10.96 -20.81
C THR A 145 9.74 10.59 -21.53
N ILE A 146 10.84 11.20 -21.12
CA ILE A 146 12.13 10.92 -21.74
C ILE A 146 12.82 9.77 -21.00
N PHE A 147 12.99 8.65 -21.69
CA PHE A 147 13.59 7.46 -21.12
C PHE A 147 15.10 7.45 -21.17
N GLU A 148 15.67 8.03 -22.22
CA GLU A 148 17.13 8.08 -22.33
C GLU A 148 17.58 9.08 -23.37
N TRP A 149 18.86 9.43 -23.29
CA TRP A 149 19.48 10.37 -24.20
C TRP A 149 20.96 10.03 -24.28
N SER A 150 21.60 10.41 -25.37
CA SER A 150 23.03 10.13 -25.55
C SER A 150 23.89 11.35 -25.28
N ARG A 151 23.24 12.51 -25.14
CA ARG A 151 23.93 13.76 -24.89
C ARG A 151 23.06 14.74 -24.12
N ASP A 152 23.70 15.56 -23.29
CA ASP A 152 22.96 16.54 -22.49
C ASP A 152 22.78 17.85 -23.26
N GLY A 153 21.85 18.68 -22.77
CA GLY A 153 21.58 19.96 -23.40
C GLY A 153 20.19 20.12 -23.98
N TRP A 154 19.49 19.00 -24.18
CA TRP A 154 18.15 19.05 -24.75
C TRP A 154 17.13 19.66 -23.80
N GLU A 155 17.38 19.55 -22.50
CA GLU A 155 16.45 20.12 -21.52
C GLU A 155 16.36 21.63 -21.70
N GLU A 156 17.52 22.27 -21.76
CA GLU A 156 17.58 23.71 -21.93
C GLU A 156 16.92 24.15 -23.23
N VAL A 157 17.14 23.38 -24.30
CA VAL A 157 16.55 23.70 -25.59
C VAL A 157 15.03 23.70 -25.49
N LEU A 158 14.48 22.68 -24.84
CA LEU A 158 13.04 22.59 -24.68
C LEU A 158 12.50 23.78 -23.88
N VAL A 159 13.18 24.13 -22.80
CA VAL A 159 12.74 25.26 -21.99
C VAL A 159 12.76 26.54 -22.82
N GLU A 160 13.78 26.67 -23.65
CA GLU A 160 13.90 27.84 -24.53
C GLU A 160 12.70 27.87 -25.46
N GLY A 161 12.26 26.68 -25.87
CA GLY A 161 11.13 26.55 -26.77
C GLY A 161 9.78 26.76 -26.11
N GLY A 162 9.79 27.08 -24.83
CA GLY A 162 8.55 27.33 -24.12
C GLY A 162 7.90 26.12 -23.47
N PHE A 163 8.62 25.01 -23.39
CA PHE A 163 8.07 23.81 -22.76
C PHE A 163 8.61 23.68 -21.36
N LYS A 164 8.00 22.81 -20.57
CA LYS A 164 8.48 22.55 -19.22
C LYS A 164 9.09 21.15 -19.24
N VAL A 165 10.20 20.99 -18.54
CA VAL A 165 10.89 19.71 -18.42
C VAL A 165 11.04 19.48 -16.93
N THR A 166 10.25 18.55 -16.40
CA THR A 166 10.24 18.28 -14.97
C THR A 166 10.65 16.87 -14.59
N GLY A 168 10.76 13.54 -12.52
CA GLY A 168 9.85 12.79 -11.67
C GLY A 168 10.65 11.87 -10.76
N SER A 169 10.03 10.80 -10.28
CA SER A 169 10.73 9.88 -9.39
C SER A 169 11.85 9.16 -10.12
N ARG A 170 11.73 9.02 -11.43
CA ARG A 170 12.76 8.35 -12.21
C ARG A 170 13.10 9.00 -13.56
N PHE A 171 12.09 9.50 -14.26
CA PHE A 171 12.30 10.13 -15.56
C PHE A 171 11.78 11.56 -15.68
N TYR A 172 12.31 12.25 -16.69
CA TYR A 172 11.89 13.62 -17.00
C TYR A 172 10.58 13.56 -17.78
N THR A 173 9.68 14.48 -17.49
CA THR A 173 8.43 14.55 -18.25
C THR A 173 8.42 15.91 -18.94
N VAL A 174 8.06 15.91 -20.22
CA VAL A 174 7.97 17.13 -21.00
C VAL A 174 6.50 17.48 -21.16
N HIS A 175 6.14 18.69 -20.74
CA HIS A 175 4.76 19.14 -20.83
C HIS A 175 4.75 20.64 -21.06
N GLY A 176 3.60 21.28 -20.92
CA GLY A 176 3.60 22.72 -21.12
C GLY A 176 2.49 23.55 -20.52
N ASN A 177 2.79 24.82 -20.28
CA ASN A 177 1.84 25.79 -19.75
C ASN A 177 1.21 25.51 -18.38
N SER A 178 1.61 24.43 -17.72
CA SER A 178 1.00 24.13 -16.42
C SER A 178 1.89 23.21 -15.58
N ASP A 179 1.43 22.91 -14.37
CA ASP A 179 2.13 22.00 -13.48
C ASP A 179 1.16 21.50 -12.42
N LYS A 180 1.61 20.55 -11.61
CA LYS A 180 0.74 19.98 -10.59
C LYS A 180 0.18 21.00 -9.62
N GLY A 181 0.93 22.08 -9.38
CA GLY A 181 0.49 23.11 -8.45
C GLY A 181 -0.60 24.01 -9.00
N LYS A 182 -0.42 24.44 -10.25
CA LYS A 182 -1.41 25.30 -10.89
C LYS A 182 -2.74 24.56 -10.96
N ALA A 183 -2.69 23.27 -11.29
CA ALA A 183 -3.89 22.46 -11.37
C ALA A 183 -4.51 22.23 -9.99
N ALA A 184 -3.68 21.94 -8.99
CA ALA A 184 -4.18 21.71 -7.64
C ALA A 184 -4.89 22.95 -7.09
N LYS A 185 -4.30 24.11 -7.36
CA LYS A 185 -4.87 25.38 -6.89
C LYS A 185 -6.26 25.59 -7.43
N ILE A 186 -6.45 25.28 -8.72
CA ILE A 186 -7.76 25.44 -9.34
C ILE A 186 -8.78 24.50 -8.73
N LEU A 187 -8.40 23.23 -8.54
CA LEU A 187 -9.33 22.27 -7.95
C LEU A 187 -9.69 22.70 -6.54
N LEU A 188 -8.70 23.18 -5.79
CA LEU A 188 -8.94 23.63 -4.43
C LEU A 188 -10.00 24.73 -4.42
N ASP A 189 -9.98 25.61 -5.41
CA ASP A 189 -10.98 26.68 -5.50
C ASP A 189 -12.39 26.12 -5.63
N PHE A 190 -12.52 25.01 -6.36
CA PHE A 190 -13.83 24.38 -6.51
C PHE A 190 -14.34 23.93 -5.15
N TYR A 191 -13.45 23.33 -4.37
CA TYR A 191 -13.84 22.84 -3.04
C TYR A 191 -14.11 23.98 -2.06
N LYS A 192 -13.31 25.04 -2.15
CA LYS A 192 -13.47 26.19 -1.26
C LYS A 192 -14.83 26.85 -1.36
N ARG A 193 -15.52 26.60 -2.47
CA ARG A 193 -16.84 27.16 -2.67
C ARG A 193 -17.87 26.44 -1.80
N LEU A 194 -17.49 25.25 -1.31
CA LEU A 194 -18.36 24.45 -0.47
C LEU A 194 -18.20 24.75 1.01
N GLY A 195 -17.13 25.44 1.36
CA GLY A 195 -16.89 25.77 2.75
C GLY A 195 -15.41 25.80 3.05
N GLN A 196 -15.04 25.57 4.29
CA GLN A 196 -13.63 25.57 4.66
C GLN A 196 -12.98 24.25 4.29
N ILE A 197 -11.73 24.31 3.86
CA ILE A 197 -11.00 23.11 3.48
C ILE A 197 -9.60 23.10 4.07
N GLU A 198 -9.10 21.91 4.34
CA GLU A 198 -7.75 21.73 4.87
C GLU A 198 -7.11 20.85 3.81
N SER A 199 -5.99 21.29 3.25
CA SER A 199 -5.34 20.52 2.20
C SER A 199 -3.96 20.00 2.52
N TYR A 200 -3.71 18.76 2.10
CA TYR A 200 -2.44 18.09 2.31
C TYR A 200 -1.94 17.61 0.95
N ALA A 201 -0.63 17.50 0.83
CA ALA A 201 -0.01 17.01 -0.40
C ALA A 201 1.12 16.08 -0.02
N VAL A 202 1.20 14.95 -0.73
CA VAL A 202 2.24 13.98 -0.49
C VAL A 202 2.97 13.80 -1.80
N GLY A 203 4.26 14.11 -1.82
CA GLY A 203 5.03 13.96 -3.04
C GLY A 203 6.33 13.24 -2.81
N ASP A 204 7.02 12.90 -3.89
CA ASP A 204 8.29 12.21 -3.78
C ASP A 204 9.29 12.63 -4.85
N SER A 205 8.92 13.61 -5.66
CA SER A 205 9.81 14.08 -6.72
C SER A 205 9.64 15.57 -6.97
N TYR A 206 10.47 16.10 -7.86
CA TYR A 206 10.43 17.51 -8.20
C TYR A 206 9.13 17.95 -8.87
N ASN A 207 8.41 17.03 -9.51
CA ASN A 207 7.17 17.43 -10.15
C ASN A 207 6.07 17.74 -9.13
N ASP A 208 6.32 17.42 -7.87
CA ASP A 208 5.34 17.67 -6.81
C ASP A 208 5.59 19.01 -6.13
N PHE A 209 6.80 19.55 -6.28
CA PHE A 209 7.14 20.81 -5.64
C PHE A 209 6.15 21.96 -5.86
N PRO A 210 5.62 22.11 -7.08
CA PRO A 210 4.67 23.20 -7.30
C PRO A 210 3.42 23.16 -6.41
N PHE A 212 3.32 22.24 -3.22
CA PHE A 212 3.66 22.65 -1.87
C PHE A 212 3.24 24.06 -1.45
N GLU A 213 3.36 25.04 -2.33
CA GLU A 213 2.98 26.40 -1.99
C GLU A 213 1.48 26.63 -2.07
N VAL A 214 0.74 25.64 -2.54
CA VAL A 214 -0.70 25.74 -2.69
C VAL A 214 -1.53 25.07 -1.60
N VAL A 215 -0.94 24.09 -0.91
CA VAL A 215 -1.67 23.37 0.13
C VAL A 215 -1.24 23.79 1.53
N ASP A 216 -2.01 23.37 2.54
CA ASP A 216 -1.73 23.71 3.93
C ASP A 216 -0.59 22.91 4.55
N LYS A 217 -0.59 21.60 4.31
CA LYS A 217 0.44 20.73 4.89
C LYS A 217 1.08 19.85 3.83
N VAL A 218 2.40 19.76 3.88
CA VAL A 218 3.17 18.99 2.91
C VAL A 218 4.03 17.87 3.48
N PHE A 219 3.97 16.70 2.82
CA PHE A 219 4.77 15.55 3.18
C PHE A 219 5.57 15.10 1.97
N ILE A 220 6.80 14.65 2.21
CA ILE A 220 7.63 14.13 1.14
C ILE A 220 8.04 12.72 1.55
N VAL A 221 7.76 11.74 0.70
CA VAL A 221 8.14 10.37 0.98
C VAL A 221 9.50 10.18 0.33
N GLY A 222 10.52 9.98 1.15
CA GLY A 222 11.85 9.83 0.64
C GLY A 222 12.74 10.88 1.29
N SER A 223 13.89 11.16 0.69
CA SER A 223 14.82 12.12 1.27
C SER A 223 14.87 13.48 0.59
N LEU A 224 14.08 13.68 -0.47
CA LEU A 224 14.07 14.96 -1.17
C LEU A 224 13.70 16.04 -0.17
N LYS A 225 14.48 17.12 -0.14
CA LYS A 225 14.22 18.20 0.81
C LYS A 225 13.52 19.43 0.25
N HIS A 226 12.62 19.97 1.05
CA HIS A 226 11.86 21.17 0.71
C HIS A 226 11.46 21.84 2.02
N LYS A 227 11.60 23.17 2.06
CA LYS A 227 11.30 23.97 3.24
C LYS A 227 9.94 23.78 3.91
N LYS A 228 8.92 23.39 3.15
CA LYS A 228 7.59 23.22 3.73
C LYS A 228 7.21 21.77 3.98
N ALA A 229 8.06 20.85 3.55
CA ALA A 229 7.75 19.43 3.68
C ALA A 229 8.33 18.66 4.84
N GLN A 230 7.52 17.76 5.38
CA GLN A 230 7.92 16.88 6.47
C GLN A 230 8.32 15.59 5.77
N ASN A 231 9.57 15.18 5.94
CA ASN A 231 10.07 13.96 5.32
C ASN A 231 9.71 12.72 6.12
N VAL A 232 9.24 11.68 5.43
CA VAL A 232 8.90 10.41 6.06
C VAL A 232 9.37 9.32 5.10
N SER A 233 9.50 8.11 5.61
CA SER A 233 9.99 7.00 4.80
C SER A 233 8.90 6.24 4.04
N SER A 234 7.67 6.33 4.52
CA SER A 234 6.57 5.61 3.92
C SER A 234 5.24 6.35 3.97
N ILE A 235 4.34 5.99 3.06
CA ILE A 235 3.02 6.60 3.02
C ILE A 235 2.34 6.26 4.35
N ILE A 236 2.72 5.14 4.94
CA ILE A 236 2.18 4.70 6.22
C ILE A 236 2.45 5.78 7.25
N ASP A 237 3.66 6.33 7.22
CA ASP A 237 4.08 7.36 8.15
C ASP A 237 3.29 8.66 7.97
N VAL A 238 2.89 8.96 6.73
CA VAL A 238 2.11 10.18 6.48
C VAL A 238 0.80 10.09 7.27
N LEU A 239 0.11 8.96 7.14
CA LEU A 239 -1.15 8.77 7.86
C LEU A 239 -0.87 8.84 9.36
N GLU A 240 0.26 8.30 9.79
CA GLU A 240 0.64 8.30 11.20
C GLU A 240 0.84 9.72 11.73
N VAL A 241 1.61 10.52 11.00
CA VAL A 241 1.88 11.89 11.40
C VAL A 241 0.64 12.77 11.38
N ILE A 242 -0.26 12.50 10.43
CA ILE A 242 -1.49 13.27 10.34
C ILE A 242 -2.37 12.96 11.55
N LYS A 243 -2.29 11.71 12.01
CA LYS A 243 -3.06 11.27 13.17
C LYS A 243 -2.70 12.01 14.45
N HIS A 244 -1.50 12.58 14.50
CA HIS A 244 -1.06 13.32 15.68
C HIS A 244 -2.05 14.44 16.00
N ILE B 2 -22.99 -10.36 19.00
CA ILE B 2 -21.75 -10.88 18.42
C ILE B 2 -20.51 -10.39 19.16
N ARG B 3 -19.73 -11.34 19.65
CA ARG B 3 -18.50 -11.03 20.37
C ARG B 3 -17.34 -11.59 19.57
N LEU B 4 -16.33 -10.76 19.35
CA LEU B 4 -15.16 -11.16 18.57
C LEU B 4 -13.89 -11.06 19.40
N ILE B 5 -12.94 -11.96 19.16
CA ILE B 5 -11.68 -11.88 19.86
C ILE B 5 -10.56 -12.19 18.88
N PHE B 6 -9.63 -11.26 18.75
CA PHE B 6 -8.49 -11.46 17.85
C PHE B 6 -7.35 -12.09 18.64
N LEU B 7 -6.81 -13.18 18.11
CA LEU B 7 -5.71 -13.89 18.77
C LEU B 7 -4.59 -14.19 17.79
N ASP B 8 -3.40 -14.42 18.33
CA ASP B 8 -2.27 -14.78 17.49
C ASP B 8 -1.97 -16.23 17.81
N ILE B 9 -1.14 -16.88 17.00
CA ILE B 9 -0.78 -18.27 17.24
C ILE B 9 0.68 -18.32 17.65
N ASP B 10 0.93 -18.01 18.92
CA ASP B 10 2.30 -18.00 19.45
C ASP B 10 2.38 -18.62 20.83
N LYS B 11 3.33 -18.14 21.63
CA LYS B 11 3.53 -18.65 22.98
C LYS B 11 2.32 -18.40 23.86
N THR B 12 1.64 -17.29 23.61
CA THR B 12 0.45 -16.91 24.37
C THR B 12 -0.65 -17.96 24.32
N LEU B 13 -0.70 -18.73 23.24
CA LEU B 13 -1.72 -19.75 23.08
C LEU B 13 -1.11 -21.15 22.97
N ILE B 14 0.16 -21.19 22.59
CA ILE B 14 0.86 -22.47 22.43
C ILE B 14 2.24 -22.44 23.06
N PRO B 15 2.55 -23.43 23.91
CA PRO B 15 3.86 -23.49 24.56
C PRO B 15 4.95 -23.61 23.50
N GLY B 16 4.69 -24.46 22.51
CA GLY B 16 5.64 -24.67 21.42
C GLY B 16 4.92 -24.49 20.10
N TYR B 17 4.88 -25.54 19.29
CA TYR B 17 4.20 -25.49 18.00
C TYR B 17 3.03 -26.47 18.00
N GLU B 18 2.79 -27.09 19.15
CA GLU B 18 1.71 -28.06 19.32
C GLU B 18 0.38 -27.36 19.58
N PRO B 19 -0.65 -27.67 18.78
CA PRO B 19 -1.99 -27.07 18.92
C PRO B 19 -2.79 -27.63 20.09
N ASP B 20 -2.58 -28.91 20.38
CA ASP B 20 -3.29 -29.61 21.45
C ASP B 20 -3.56 -28.81 22.73
N PRO B 21 -2.53 -28.19 23.31
CA PRO B 21 -2.73 -27.41 24.54
C PRO B 21 -3.79 -26.31 24.43
N ALA B 22 -4.00 -25.80 23.22
CA ALA B 22 -4.95 -24.72 23.01
C ALA B 22 -6.41 -25.14 22.82
N LYS B 23 -6.63 -26.41 22.50
CA LYS B 23 -8.00 -26.89 22.27
C LYS B 23 -8.98 -26.50 23.38
N PRO B 24 -8.66 -26.79 24.64
CA PRO B 24 -9.56 -26.45 25.74
C PRO B 24 -9.88 -24.95 25.81
N ILE B 25 -8.86 -24.13 25.56
CA ILE B 25 -9.03 -22.69 25.59
C ILE B 25 -9.97 -22.23 24.47
N ILE B 26 -9.74 -22.77 23.28
CA ILE B 26 -10.57 -22.42 22.14
C ILE B 26 -12.03 -22.79 22.42
N GLU B 27 -12.24 -24.01 22.93
CA GLU B 27 -13.60 -24.46 23.22
C GLU B 27 -14.28 -23.58 24.25
N GLU B 28 -13.54 -23.14 25.26
CA GLU B 28 -14.08 -22.29 26.31
C GLU B 28 -14.53 -20.96 25.72
N LEU B 29 -13.70 -20.39 24.85
CA LEU B 29 -14.04 -19.13 24.21
C LEU B 29 -15.28 -19.29 23.35
N LYS B 30 -15.39 -20.43 22.68
CA LYS B 30 -16.56 -20.71 21.85
C LYS B 30 -17.83 -20.79 22.70
N ASP B 31 -17.71 -21.45 23.85
CA ASP B 31 -18.86 -21.59 24.75
C ASP B 31 -19.28 -20.24 25.31
N GLY B 33 -19.40 -17.73 23.65
CA GLY B 33 -20.02 -17.04 22.54
C GLY B 33 -19.14 -16.18 21.66
N PHE B 34 -17.86 -16.51 21.57
CA PHE B 34 -16.94 -15.73 20.75
C PHE B 34 -16.61 -16.28 19.38
N GLU B 35 -16.38 -15.37 18.44
CA GLU B 35 -15.95 -15.74 17.09
C GLU B 35 -14.45 -15.50 17.26
N ILE B 36 -13.67 -16.55 17.12
CA ILE B 36 -12.22 -16.46 17.30
C ILE B 36 -11.50 -16.13 15.99
N ILE B 37 -10.85 -14.98 15.95
CA ILE B 37 -10.16 -14.54 14.74
C ILE B 37 -8.65 -14.56 14.90
N PHE B 38 -7.99 -15.44 14.16
CA PHE B 38 -6.53 -15.50 14.21
C PHE B 38 -6.03 -14.39 13.30
N ASN B 39 -5.12 -13.59 13.83
CA ASN B 39 -4.54 -12.46 13.10
C ASN B 39 -3.06 -12.54 13.42
N SER B 40 -2.29 -13.17 12.54
CA SER B 40 -0.88 -13.30 12.86
C SER B 40 0.07 -13.18 11.69
N SER B 41 1.35 -13.28 12.02
CA SER B 41 2.41 -13.19 11.01
C SER B 41 2.48 -14.45 10.16
N LYS B 42 1.85 -15.53 10.62
CA LYS B 42 1.88 -16.81 9.90
C LYS B 42 1.18 -16.77 8.54
N THR B 43 1.64 -17.64 7.64
CA THR B 43 1.04 -17.74 6.32
C THR B 43 -0.32 -18.43 6.47
N ARG B 44 -1.12 -18.34 5.42
CA ARG B 44 -2.43 -19.01 5.42
C ARG B 44 -2.23 -20.52 5.59
N ALA B 45 -1.23 -21.07 4.92
CA ALA B 45 -0.97 -22.50 5.02
C ALA B 45 -0.75 -22.92 6.47
N GLU B 46 0.05 -22.13 7.17
CA GLU B 46 0.33 -22.40 8.58
C GLU B 46 -0.93 -22.28 9.42
N GLN B 47 -1.69 -21.21 9.20
CA GLN B 47 -2.90 -21.01 9.98
C GLN B 47 -3.96 -22.06 9.72
N GLU B 48 -4.07 -22.52 8.48
CA GLU B 48 -5.07 -23.55 8.15
C GLU B 48 -4.80 -24.82 8.94
N TYR B 49 -3.53 -25.10 9.22
CA TYR B 49 -3.17 -26.28 9.99
C TYR B 49 -3.72 -26.15 11.41
N TYR B 50 -3.43 -25.02 12.05
CA TYR B 50 -3.90 -24.79 13.41
C TYR B 50 -5.41 -24.68 13.50
N ARG B 51 -6.02 -24.02 12.51
CA ARG B 51 -7.47 -23.87 12.50
C ARG B 51 -8.16 -25.23 12.40
N LYS B 52 -7.62 -26.12 11.58
CA LYS B 52 -8.23 -27.44 11.43
C LYS B 52 -8.04 -28.27 12.70
N GLU B 53 -6.85 -28.19 13.28
CA GLU B 53 -6.57 -28.93 14.51
C GLU B 53 -7.41 -28.43 15.68
N LEU B 54 -7.73 -27.14 15.67
CA LEU B 54 -8.51 -26.54 16.75
C LEU B 54 -9.99 -26.37 16.39
N GLU B 55 -10.36 -26.80 15.20
CA GLU B 55 -11.73 -26.71 14.73
C GLU B 55 -12.28 -25.29 14.70
N VAL B 56 -11.47 -24.35 14.22
CA VAL B 56 -11.87 -22.95 14.10
C VAL B 56 -12.17 -22.73 12.61
N GLU B 57 -13.37 -22.22 12.31
CA GLU B 57 -13.78 -22.02 10.92
C GLU B 57 -14.18 -20.59 10.60
N THR B 58 -13.69 -19.67 11.41
CA THR B 58 -13.99 -18.25 11.23
C THR B 58 -13.01 -17.58 10.28
N PRO B 59 -13.25 -16.30 9.97
CA PRO B 59 -12.32 -15.61 9.08
C PRO B 59 -10.98 -15.51 9.80
N PHE B 60 -9.89 -15.33 9.05
CA PHE B 60 -8.58 -15.16 9.66
C PHE B 60 -7.78 -14.18 8.83
N ILE B 61 -6.69 -13.67 9.40
CA ILE B 61 -5.86 -12.66 8.74
C ILE B 61 -4.44 -13.18 8.75
N SER B 62 -3.80 -13.18 7.59
CA SER B 62 -2.46 -13.71 7.47
C SER B 62 -1.38 -12.72 7.08
N GLU B 63 -0.14 -13.13 7.36
CA GLU B 63 1.04 -12.37 7.02
C GLU B 63 1.00 -10.88 7.38
N ASN B 64 0.74 -10.64 8.65
CA ASN B 64 0.69 -9.29 9.22
C ASN B 64 -0.26 -8.34 8.52
N GLY B 65 -1.52 -8.77 8.38
CA GLY B 65 -2.53 -7.94 7.76
C GLY B 65 -2.50 -7.87 6.25
N SER B 66 -1.72 -8.71 5.60
CA SER B 66 -1.65 -8.68 4.13
C SER B 66 -2.87 -9.23 3.44
N ALA B 67 -3.63 -10.07 4.12
CA ALA B 67 -4.84 -10.63 3.53
C ALA B 67 -5.84 -11.12 4.56
N ILE B 68 -7.12 -10.92 4.26
CA ILE B 68 -8.20 -11.38 5.12
C ILE B 68 -8.89 -12.50 4.37
N PHE B 69 -9.02 -13.67 5.00
CA PHE B 69 -9.67 -14.81 4.37
C PHE B 69 -11.02 -15.06 5.04
N ILE B 70 -12.07 -14.93 4.24
CA ILE B 70 -13.43 -15.12 4.73
C ILE B 70 -14.02 -16.39 4.11
N PRO B 71 -14.30 -17.41 4.93
CA PRO B 71 -14.87 -18.64 4.38
C PRO B 71 -16.15 -18.36 3.62
N LYS B 72 -16.33 -19.04 2.49
CA LYS B 72 -17.55 -18.85 1.72
C LYS B 72 -18.68 -19.36 2.61
N GLY B 73 -19.75 -18.58 2.72
CA GLY B 73 -20.88 -18.99 3.54
C GLY B 73 -20.82 -18.59 5.01
N TYR B 74 -19.71 -18.00 5.45
CA TYR B 74 -19.60 -17.58 6.84
C TYR B 74 -20.57 -16.43 7.13
N PHE B 75 -20.55 -15.42 6.26
CA PHE B 75 -21.43 -14.26 6.43
C PHE B 75 -22.72 -14.46 5.63
N PRO B 76 -23.85 -13.95 6.13
CA PRO B 76 -25.14 -14.09 5.45
C PRO B 76 -25.32 -13.06 4.34
N PHE B 77 -24.23 -12.39 3.98
CA PHE B 77 -24.26 -11.37 2.95
C PHE B 77 -23.05 -11.49 2.04
N ASP B 78 -23.12 -10.82 0.89
CA ASP B 78 -22.04 -10.86 -0.09
C ASP B 78 -20.86 -9.97 0.30
N VAL B 79 -19.66 -10.47 0.03
CA VAL B 79 -18.43 -9.73 0.32
C VAL B 79 -17.61 -9.70 -0.96
N LYS B 80 -17.27 -8.50 -1.42
CA LYS B 80 -16.48 -8.35 -2.64
C LYS B 80 -15.03 -8.70 -2.38
N GLY B 81 -14.46 -9.55 -3.23
CA GLY B 81 -13.08 -9.94 -3.07
C GLY B 81 -12.68 -11.01 -4.06
N LYS B 82 -11.45 -11.46 -3.98
CA LYS B 82 -10.96 -12.48 -4.88
C LYS B 82 -11.33 -13.87 -4.36
N GLU B 83 -11.78 -14.74 -5.26
CA GLU B 83 -12.13 -16.09 -4.86
C GLU B 83 -10.89 -16.96 -4.90
N VAL B 84 -10.56 -17.55 -3.76
CA VAL B 84 -9.39 -18.43 -3.65
C VAL B 84 -9.83 -19.64 -2.85
N GLY B 85 -9.82 -20.80 -3.48
CA GLY B 85 -10.25 -22.00 -2.78
C GLY B 85 -11.67 -21.80 -2.26
N ASN B 86 -11.87 -22.07 -0.98
CA ASN B 86 -13.18 -21.92 -0.37
C ASN B 86 -13.28 -20.59 0.37
N TYR B 87 -12.54 -19.60 -0.09
CA TYR B 87 -12.57 -18.29 0.56
C TYR B 87 -12.80 -17.12 -0.38
N ILE B 88 -13.16 -16.00 0.23
CA ILE B 88 -13.29 -14.73 -0.45
C ILE B 88 -12.10 -14.05 0.20
N VAL B 89 -11.17 -13.55 -0.60
CA VAL B 89 -9.99 -12.93 -0.03
C VAL B 89 -9.92 -11.43 -0.24
N ILE B 90 -9.59 -10.70 0.82
CA ILE B 90 -9.42 -9.26 0.74
C ILE B 90 -7.91 -9.06 0.77
N GLU B 91 -7.33 -8.77 -0.39
CA GLU B 91 -5.89 -8.57 -0.49
C GLU B 91 -5.48 -7.14 -0.16
N LEU B 92 -4.58 -6.99 0.80
CA LEU B 92 -4.14 -5.67 1.25
C LEU B 92 -2.64 -5.45 1.15
N GLY B 93 -1.89 -6.52 0.93
CA GLY B 93 -0.44 -6.38 0.83
C GLY B 93 0.07 -6.48 -0.59
N ILE B 94 1.35 -6.84 -0.72
CA ILE B 94 2.00 -6.98 -2.02
C ILE B 94 2.20 -8.47 -2.27
N ARG B 95 1.89 -8.93 -3.48
CA ARG B 95 2.07 -10.35 -3.78
C ARG B 95 3.54 -10.71 -3.62
N VAL B 96 3.81 -11.87 -3.02
CA VAL B 96 5.19 -12.25 -2.79
C VAL B 96 5.99 -12.35 -4.09
N GLU B 97 5.32 -12.60 -5.21
CA GLU B 97 6.03 -12.68 -6.49
C GLU B 97 6.74 -11.35 -6.79
N LYS B 98 6.08 -10.24 -6.49
CA LYS B 98 6.66 -8.91 -6.73
C LYS B 98 7.81 -8.65 -5.77
N ILE B 99 7.66 -9.11 -4.54
CA ILE B 99 8.71 -8.94 -3.54
C ILE B 99 9.95 -9.71 -4.00
N ARG B 100 9.74 -10.93 -4.45
CA ARG B 100 10.85 -11.76 -4.91
C ARG B 100 11.55 -11.24 -6.15
N GLU B 101 10.83 -10.50 -7.00
CA GLU B 101 11.46 -9.93 -8.19
C GLU B 101 12.50 -8.93 -7.73
N GLU B 102 12.15 -8.17 -6.69
CA GLU B 102 13.06 -7.17 -6.15
C GLU B 102 14.22 -7.82 -5.38
N LEU B 103 13.93 -8.87 -4.61
CA LEU B 103 14.99 -9.52 -3.86
C LEU B 103 15.99 -10.17 -4.81
N LYS B 104 15.49 -10.67 -5.93
CA LYS B 104 16.34 -11.30 -6.94
C LYS B 104 17.46 -10.36 -7.37
N LYS B 105 17.14 -9.08 -7.50
CA LYS B 105 18.11 -8.08 -7.92
C LYS B 105 19.14 -7.74 -6.84
N LEU B 106 18.77 -7.96 -5.58
CA LEU B 106 19.65 -7.65 -4.44
C LEU B 106 20.35 -8.87 -3.86
N GLU B 107 19.79 -10.04 -4.15
CA GLU B 107 20.28 -11.31 -3.64
C GLU B 107 21.78 -11.50 -3.57
N ASN B 108 22.45 -11.34 -4.71
CA ASN B 108 23.89 -11.57 -4.74
C ASN B 108 24.78 -10.38 -4.48
N ILE B 109 24.17 -9.22 -4.19
CA ILE B 109 24.94 -8.02 -3.86
C ILE B 109 25.02 -7.99 -2.34
N TYR B 110 23.94 -8.39 -1.67
CA TYR B 110 23.91 -8.38 -0.21
C TYR B 110 23.89 -9.75 0.46
N GLY B 111 24.10 -10.80 -0.31
CA GLY B 111 24.11 -12.16 0.24
C GLY B 111 22.85 -12.51 1.00
N LEU B 112 21.70 -12.20 0.40
CA LEU B 112 20.43 -12.46 1.04
C LEU B 112 19.95 -13.90 0.98
N LYS B 113 19.40 -14.36 2.09
CA LYS B 113 18.82 -15.69 2.18
C LYS B 113 17.41 -15.50 2.71
N TYR B 114 16.43 -16.01 1.97
CA TYR B 114 15.03 -15.88 2.35
C TYR B 114 14.32 -17.16 1.95
N TYR B 115 13.00 -17.23 2.15
CA TYR B 115 12.28 -18.45 1.79
C TYR B 115 12.44 -18.86 0.34
N GLY B 116 12.30 -17.89 -0.55
CA GLY B 116 12.40 -18.14 -1.98
C GLY B 116 13.68 -18.76 -2.49
N ASN B 117 14.79 -18.54 -1.79
CA ASN B 117 16.05 -19.11 -2.24
C ASN B 117 16.73 -20.00 -1.21
N SER B 118 15.94 -20.59 -0.31
CA SER B 118 16.48 -21.45 0.73
C SER B 118 15.82 -22.83 0.69
N THR B 119 16.55 -23.85 1.17
CA THR B 119 16.03 -25.21 1.21
C THR B 119 15.27 -25.41 2.51
N LYS B 120 14.41 -26.42 2.54
CA LYS B 120 13.64 -26.73 3.75
C LYS B 120 14.60 -26.94 4.91
N GLU B 121 15.72 -27.61 4.64
CA GLU B 121 16.71 -27.88 5.67
C GLU B 121 17.30 -26.59 6.22
N GLU B 122 17.59 -25.65 5.33
CA GLU B 122 18.15 -24.36 5.75
C GLU B 122 17.15 -23.56 6.56
N ILE B 123 15.90 -23.59 6.13
CA ILE B 123 14.84 -22.86 6.83
C ILE B 123 14.67 -23.43 8.24
N GLU B 124 14.75 -24.75 8.35
CA GLU B 124 14.63 -25.40 9.65
C GLU B 124 15.74 -24.90 10.57
N LYS B 125 16.95 -24.82 10.05
CA LYS B 125 18.10 -24.37 10.82
C LYS B 125 17.92 -22.92 11.27
N PHE B 126 17.53 -22.05 10.33
CA PHE B 126 17.31 -20.64 10.62
C PHE B 126 16.24 -20.38 11.67
N THR B 127 15.08 -20.99 11.48
CA THR B 127 13.94 -20.79 12.36
C THR B 127 13.86 -21.70 13.58
N GLY B 128 14.31 -22.94 13.42
CA GLY B 128 14.25 -23.88 14.52
C GLY B 128 12.86 -24.43 14.73
N PRO B 130 9.57 -26.96 13.87
CA PRO B 130 9.47 -28.39 13.57
C PRO B 130 9.55 -28.65 12.07
N PRO B 131 10.35 -29.65 11.66
CA PRO B 131 10.51 -30.00 10.24
C PRO B 131 9.17 -30.23 9.57
N GLU B 132 8.25 -30.83 10.31
CA GLU B 132 6.92 -31.15 9.80
C GLU B 132 6.13 -29.94 9.34
N LEU B 133 6.34 -28.79 9.97
CA LEU B 133 5.59 -27.59 9.62
C LEU B 133 6.32 -26.61 8.69
N VAL B 134 7.59 -26.87 8.43
CA VAL B 134 8.37 -26.00 7.55
C VAL B 134 7.70 -25.78 6.19
N PRO B 135 7.12 -26.84 5.60
CA PRO B 135 6.47 -26.66 4.29
C PRO B 135 5.37 -25.61 4.30
N LEU B 136 4.71 -25.45 5.44
CA LEU B 136 3.62 -24.47 5.57
C LEU B 136 4.16 -23.04 5.67
N ALA B 137 5.24 -22.87 6.41
CA ALA B 137 5.85 -21.56 6.56
C ALA B 137 6.45 -21.09 5.24
N GLU B 139 5.10 -21.52 2.30
CA GLU B 139 4.07 -21.13 1.35
C GLU B 139 3.73 -19.66 1.52
N ARG B 140 4.67 -18.79 1.17
CA ARG B 140 4.46 -17.36 1.30
C ARG B 140 3.51 -16.84 0.22
N GLU B 141 2.68 -15.87 0.58
CA GLU B 141 1.77 -15.28 -0.40
C GLU B 141 1.96 -13.77 -0.51
N TYR B 142 2.38 -13.13 0.59
CA TYR B 142 2.53 -11.66 0.59
C TYR B 142 3.73 -11.12 1.36
N SER B 143 4.67 -11.97 1.71
CA SER B 143 5.80 -11.48 2.49
C SER B 143 6.96 -12.45 2.46
N GLU B 144 8.15 -11.91 2.69
CA GLU B 144 9.36 -12.72 2.75
C GLU B 144 10.05 -12.41 4.07
N THR B 145 10.90 -13.34 4.48
CA THR B 145 11.67 -13.18 5.70
C THR B 145 13.13 -13.29 5.28
N ILE B 146 13.94 -12.31 5.68
CA ILE B 146 15.35 -12.32 5.36
C ILE B 146 16.08 -12.93 6.55
N PHE B 147 16.60 -14.14 6.36
CA PHE B 147 17.29 -14.86 7.43
C PHE B 147 18.76 -14.50 7.57
N GLU B 148 19.38 -14.13 6.46
CA GLU B 148 20.79 -13.76 6.46
C GLU B 148 21.11 -12.74 5.40
N TRP B 149 22.21 -12.03 5.61
CA TRP B 149 22.71 -11.04 4.68
C TRP B 149 24.21 -10.88 4.96
N SER B 150 24.98 -10.59 3.92
CA SER B 150 26.43 -10.44 4.03
C SER B 150 26.84 -9.02 4.39
N ARG B 151 25.96 -8.07 4.05
CA ARG B 151 26.22 -6.66 4.31
C ARG B 151 24.89 -5.90 4.31
N ASP B 152 24.88 -4.72 4.92
CA ASP B 152 23.67 -3.91 4.97
C ASP B 152 23.57 -2.97 3.79
N GLY B 153 22.44 -2.29 3.69
CA GLY B 153 22.23 -1.36 2.60
C GLY B 153 21.04 -1.78 1.75
N TRP B 154 20.74 -3.07 1.77
CA TRP B 154 19.61 -3.61 0.99
C TRP B 154 18.27 -3.12 1.54
N GLU B 155 18.20 -2.89 2.84
CA GLU B 155 16.96 -2.42 3.46
C GLU B 155 16.55 -1.08 2.85
N GLU B 156 17.51 -0.16 2.75
CA GLU B 156 17.22 1.15 2.18
C GLU B 156 16.78 1.05 0.73
N VAL B 157 17.38 0.12 -0.01
CA VAL B 157 17.02 -0.06 -1.41
C VAL B 157 15.56 -0.48 -1.53
N LEU B 158 15.17 -1.46 -0.72
CA LEU B 158 13.79 -1.95 -0.73
C LEU B 158 12.82 -0.83 -0.35
N VAL B 159 13.14 -0.10 0.72
CA VAL B 159 12.29 1.00 1.17
C VAL B 159 12.16 2.06 0.08
N GLU B 160 13.26 2.30 -0.63
CA GLU B 160 13.28 3.27 -1.71
C GLU B 160 12.34 2.81 -2.82
N GLY B 161 12.22 1.49 -2.95
CA GLY B 161 11.35 0.90 -3.96
C GLY B 161 9.89 0.84 -3.57
N GLY B 162 9.58 1.27 -2.35
CA GLY B 162 8.19 1.26 -1.91
C GLY B 162 7.81 0.09 -1.03
N PHE B 163 8.77 -0.79 -0.75
CA PHE B 163 8.49 -1.95 0.10
C PHE B 163 8.76 -1.62 1.56
N LYS B 164 8.07 -2.32 2.46
CA LYS B 164 8.24 -2.12 3.88
C LYS B 164 9.18 -3.19 4.43
N VAL B 165 10.13 -2.77 5.24
CA VAL B 165 11.08 -3.70 5.84
C VAL B 165 10.98 -3.52 7.34
N THR B 166 10.55 -4.59 8.01
CA THR B 166 10.41 -4.56 9.46
C THR B 166 11.45 -5.45 10.10
N GLY B 168 13.08 -7.61 13.06
CA GLY B 168 12.63 -8.41 14.18
C GLY B 168 13.82 -8.65 15.08
N SER B 169 13.58 -9.24 16.24
CA SER B 169 14.66 -9.54 17.18
C SER B 169 15.67 -10.47 16.51
N ARG B 170 15.22 -11.09 15.42
CA ARG B 170 16.04 -12.04 14.68
C ARG B 170 16.22 -11.70 13.20
N PHE B 171 15.14 -11.79 12.44
CA PHE B 171 15.18 -11.53 11.01
C PHE B 171 14.26 -10.40 10.58
N TYR B 172 14.49 -9.89 9.38
CA TYR B 172 13.67 -8.82 8.84
C TYR B 172 12.54 -9.43 8.03
N THR B 173 11.43 -8.71 7.91
CA THR B 173 10.32 -9.18 7.10
C THR B 173 10.09 -8.10 6.04
N VAL B 174 9.86 -8.52 4.81
CA VAL B 174 9.62 -7.59 3.72
C VAL B 174 8.18 -7.79 3.31
N HIS B 175 7.42 -6.70 3.29
CA HIS B 175 6.00 -6.78 2.96
C HIS B 175 5.46 -5.45 2.45
N GLY B 176 4.13 -5.37 2.41
CA GLY B 176 3.45 -4.17 1.94
C GLY B 176 3.08 -3.15 2.99
N ASN B 177 2.09 -2.32 2.67
CA ASN B 177 1.66 -1.25 3.56
C ASN B 177 0.48 -1.50 4.49
N SER B 178 0.14 -2.76 4.71
CA SER B 178 -0.94 -3.06 5.63
C SER B 178 -0.32 -3.48 6.96
N ASP B 179 -1.16 -3.78 7.94
CA ASP B 179 -0.70 -4.26 9.23
C ASP B 179 -1.88 -4.96 9.89
N LYS B 180 -1.64 -5.55 11.06
CA LYS B 180 -2.70 -6.28 11.74
C LYS B 180 -3.89 -5.41 12.11
N GLY B 181 -3.63 -4.12 12.35
CA GLY B 181 -4.71 -3.21 12.71
C GLY B 181 -5.57 -2.79 11.55
N LYS B 182 -4.95 -2.47 10.42
CA LYS B 182 -5.71 -2.05 9.24
C LYS B 182 -6.61 -3.19 8.76
N ALA B 183 -6.08 -4.40 8.77
CA ALA B 183 -6.84 -5.57 8.35
C ALA B 183 -7.96 -5.88 9.34
N ALA B 184 -7.66 -5.78 10.63
CA ALA B 184 -8.65 -6.06 11.66
C ALA B 184 -9.82 -5.09 11.54
N LYS B 185 -9.53 -3.83 11.25
CA LYS B 185 -10.56 -2.79 11.12
C LYS B 185 -11.50 -3.14 9.97
N ILE B 186 -10.93 -3.56 8.85
CA ILE B 186 -11.72 -3.90 7.69
C ILE B 186 -12.60 -5.11 7.98
N LEU B 187 -12.08 -6.09 8.71
CA LEU B 187 -12.85 -7.28 9.05
C LEU B 187 -13.97 -6.89 10.02
N LEU B 188 -13.63 -6.04 10.99
CA LEU B 188 -14.60 -5.60 11.98
C LEU B 188 -15.77 -4.88 11.32
N ASP B 189 -15.48 -4.06 10.31
CA ASP B 189 -16.55 -3.34 9.63
C ASP B 189 -17.49 -4.29 8.91
N PHE B 190 -16.98 -5.45 8.50
CA PHE B 190 -17.82 -6.45 7.86
C PHE B 190 -18.79 -6.98 8.91
N TYR B 191 -18.27 -7.28 10.10
CA TYR B 191 -19.12 -7.78 11.17
C TYR B 191 -20.17 -6.75 11.57
N LYS B 192 -19.80 -5.48 11.51
CA LYS B 192 -20.72 -4.42 11.89
C LYS B 192 -21.92 -4.29 10.94
N ARG B 193 -21.89 -5.01 9.84
CA ARG B 193 -23.02 -5.00 8.90
C ARG B 193 -24.14 -5.78 9.56
N LEU B 194 -23.79 -6.55 10.58
CA LEU B 194 -24.77 -7.35 11.31
C LEU B 194 -25.25 -6.61 12.55
N GLY B 195 -24.80 -5.37 12.70
CA GLY B 195 -25.22 -4.58 13.84
C GLY B 195 -24.19 -4.39 14.92
N GLN B 196 -24.65 -4.45 16.17
CA GLN B 196 -23.79 -4.25 17.33
C GLN B 196 -22.76 -5.37 17.51
N ILE B 197 -21.50 -4.97 17.70
CA ILE B 197 -20.41 -5.93 17.88
C ILE B 197 -19.54 -5.55 19.07
N GLU B 198 -19.05 -6.55 19.80
CA GLU B 198 -18.15 -6.32 20.93
C GLU B 198 -16.82 -6.98 20.54
N SER B 199 -15.75 -6.19 20.48
CA SER B 199 -14.45 -6.71 20.06
C SER B 199 -13.36 -6.71 21.12
N TYR B 200 -12.58 -7.78 21.13
CA TYR B 200 -11.48 -7.96 22.05
C TYR B 200 -10.23 -8.33 21.28
N ALA B 201 -9.06 -8.11 21.88
CA ALA B 201 -7.80 -8.45 21.26
C ALA B 201 -6.79 -8.85 22.32
N VAL B 202 -5.99 -9.87 22.00
CA VAL B 202 -4.95 -10.35 22.90
C VAL B 202 -3.66 -10.41 22.12
N GLY B 203 -2.66 -9.63 22.54
CA GLY B 203 -1.39 -9.61 21.85
C GLY B 203 -0.22 -9.73 22.81
N ASP B 204 0.98 -9.79 22.26
CA ASP B 204 2.18 -9.92 23.08
C ASP B 204 3.39 -9.26 22.42
N SER B 205 3.14 -8.49 21.36
CA SER B 205 4.23 -7.83 20.65
C SER B 205 3.88 -6.43 20.16
N TYR B 206 4.93 -5.68 19.82
CA TYR B 206 4.76 -4.32 19.33
C TYR B 206 3.95 -4.29 18.04
N ASN B 207 4.08 -5.32 17.22
CA ASN B 207 3.34 -5.35 15.96
C ASN B 207 1.84 -5.59 16.17
N ASP B 208 1.43 -5.78 17.42
CA ASP B 208 0.02 -5.99 17.74
C ASP B 208 -0.63 -4.65 18.12
N PHE B 209 0.20 -3.66 18.40
CA PHE B 209 -0.31 -2.34 18.79
C PHE B 209 -1.35 -1.74 17.84
N PRO B 210 -1.14 -1.86 16.52
CA PRO B 210 -2.12 -1.29 15.58
C PRO B 210 -3.51 -1.91 15.74
N PHE B 212 -4.64 -3.25 18.59
CA PHE B 212 -5.17 -2.82 19.88
C PHE B 212 -6.00 -1.56 19.73
N GLU B 213 -5.62 -0.71 18.79
CA GLU B 213 -6.31 0.56 18.56
C GLU B 213 -7.68 0.49 17.90
N VAL B 214 -8.04 -0.66 17.33
CA VAL B 214 -9.33 -0.78 16.65
C VAL B 214 -10.40 -1.59 17.37
N VAL B 215 -10.04 -2.22 18.48
CA VAL B 215 -11.00 -3.03 19.24
C VAL B 215 -11.43 -2.33 20.54
N ASP B 216 -12.46 -2.87 21.19
CA ASP B 216 -12.98 -2.30 22.43
C ASP B 216 -12.14 -2.61 23.66
N LYS B 217 -11.76 -3.87 23.80
CA LYS B 217 -11.00 -4.32 24.97
C LYS B 217 -9.69 -4.98 24.55
N VAL B 218 -8.60 -4.55 25.16
CA VAL B 218 -7.28 -5.08 24.86
C VAL B 218 -6.57 -5.75 26.02
N PHE B 219 -5.96 -6.91 25.75
CA PHE B 219 -5.20 -7.64 26.74
C PHE B 219 -3.80 -7.90 26.19
N ILE B 220 -2.80 -7.75 27.05
CA ILE B 220 -1.43 -8.01 26.67
C ILE B 220 -0.90 -9.10 27.58
N VAL B 221 -0.46 -10.20 26.98
CA VAL B 221 0.10 -11.30 27.76
C VAL B 221 1.57 -11.00 27.92
N GLY B 222 1.96 -10.65 29.15
CA GLY B 222 3.34 -10.31 29.42
C GLY B 222 3.41 -8.97 30.11
N SER B 223 4.58 -8.33 30.06
CA SER B 223 4.75 -7.03 30.69
C SER B 223 4.77 -5.86 29.72
N LEU B 224 4.78 -6.16 28.42
CA LEU B 224 4.79 -5.11 27.40
C LEU B 224 3.66 -4.13 27.71
N LYS B 225 4.01 -2.86 27.88
CA LYS B 225 3.01 -1.84 28.20
C LYS B 225 2.48 -1.07 26.99
N HIS B 226 1.19 -0.75 27.04
CA HIS B 226 0.54 0.00 25.98
C HIS B 226 -0.71 0.70 26.49
N LYS B 227 -0.78 2.00 26.24
CA LYS B 227 -1.90 2.86 26.63
C LYS B 227 -3.01 2.19 27.44
N LYS B 228 -4.06 1.74 26.76
CA LYS B 228 -5.20 1.12 27.42
C LYS B 228 -5.21 -0.41 27.29
N ALA B 229 -4.07 -1.03 27.57
CA ALA B 229 -3.96 -2.48 27.49
C ALA B 229 -3.80 -3.05 28.89
N GLN B 230 -4.57 -4.09 29.20
CA GLN B 230 -4.51 -4.73 30.50
C GLN B 230 -3.51 -5.88 30.46
N ASN B 231 -2.46 -5.80 31.28
CA ASN B 231 -1.45 -6.85 31.30
C ASN B 231 -1.88 -8.06 32.12
N VAL B 232 -1.64 -9.24 31.55
CA VAL B 232 -1.99 -10.49 32.20
C VAL B 232 -0.84 -11.49 32.03
N SER B 233 -0.85 -12.54 32.83
CA SER B 233 0.20 -13.55 32.77
C SER B 233 0.01 -14.54 31.63
N SER B 234 -1.25 -14.91 31.35
CA SER B 234 -1.52 -15.86 30.29
C SER B 234 -2.94 -15.75 29.77
N ILE B 235 -3.25 -16.53 28.74
CA ILE B 235 -4.58 -16.52 28.15
C ILE B 235 -5.65 -16.90 29.18
N ILE B 236 -5.24 -17.65 30.21
CA ILE B 236 -6.18 -18.07 31.25
C ILE B 236 -6.76 -16.85 31.95
N ASP B 237 -5.90 -15.87 32.25
CA ASP B 237 -6.33 -14.65 32.90
C ASP B 237 -7.32 -13.88 32.04
N VAL B 238 -7.15 -13.96 30.73
CA VAL B 238 -8.06 -13.27 29.82
C VAL B 238 -9.46 -13.84 29.98
N LEU B 239 -9.55 -15.18 30.00
CA LEU B 239 -10.84 -15.85 30.14
C LEU B 239 -11.51 -15.45 31.45
N GLU B 240 -10.73 -15.38 32.53
CA GLU B 240 -11.26 -15.02 33.83
C GLU B 240 -11.79 -13.59 33.86
N VAL B 241 -11.04 -12.66 33.27
CA VAL B 241 -11.44 -11.27 33.25
C VAL B 241 -12.72 -11.06 32.46
N ILE B 242 -12.86 -11.76 31.34
CA ILE B 242 -14.05 -11.62 30.52
C ILE B 242 -15.28 -12.18 31.22
N LYS B 243 -15.09 -13.27 31.96
CA LYS B 243 -16.19 -13.90 32.68
C LYS B 243 -16.77 -12.98 33.75
#